data_7O2A
#
_entry.id   7O2A
#
_cell.length_a   61.724
_cell.length_b   66.191
_cell.length_c   107.642
_cell.angle_alpha   90.000
_cell.angle_beta   90.000
_cell.angle_gamma   90.000
#
_symmetry.space_group_name_H-M   'P 21 21 21'
#
loop_
_entity.id
_entity.type
_entity.pdbx_description
1 polymer 'Histone-lysine N-methyltransferase SMYD3'
2 non-polymer (2S)-1-(4-azanylpiperidin-1-yl)carbonyl-N-(2-cyclopropylethyl)-2-methyl-4-oxidanylidene-3,5-dihydro-2H-1,5-benzodiazepine-7-carboxamide
3 non-polymer S-ADENOSYLMETHIONINE
4 non-polymer 'ZINC ION'
5 water water
#
_entity_poly.entity_id   1
_entity_poly.type   'polypeptide(L)'
_entity_poly.pdbx_seq_one_letter_code
;MEPLKVEKFATANRGNGLRAVTPLRPGELLFRSDPLAYTVCKGSRGVVCDRCLLGKEKLMRCSQCRVAKYCSAKCQKKAW
PDHKRECKCLKSCKPRYPPDSVRLLGRVVFKLMDGAPSESEKLYSFYDLESNINKLTEDRKEGLRQLVMTFQHFMREEIQ
DASQLPPAFDLFEAFAKVICNSFTICNAEMQEVGVGLYPSISLLNHSCDPNCSIVFNGPHLLLRAVRDIEVGEELTICYL
DMLMTSEERRKQLRDQYCFECDCFRCQTQDKDADMLTGDEQVWKEVQESLKKIEELKAHWKWEQVLAMCQAIISSNSERL
PDINIYQLKVLDCAMDACINLGLLEEALFYGTRTMEPYRIFFPGSHPVRGVQVMKVGKLQLHQGMFPQAMKNLRLAFDIM
RVTHGREHSLIEDLILLLEECDANIRAS
;
_entity_poly.pdbx_strand_id   A
#
loop_
_chem_comp.id
_chem_comp.type
_chem_comp.name
_chem_comp.formula
SAM non-polymer S-ADENOSYLMETHIONINE 'C15 H22 N6 O5 S'
UZT non-polymer (2S)-1-(4-azanylpiperidin-1-yl)carbonyl-N-(2-cyclopropylethyl)-2-methyl-4-oxidanylidene-3,5-dihydro-2H-1,5-benzodiazepine-7-carboxamide 'C22 H31 N5 O3'
ZN non-polymer 'ZINC ION' 'Zn 2'
#
# COMPACT_ATOMS: atom_id res chain seq x y z
N GLU A 2 -5.79 24.26 -11.84
CA GLU A 2 -5.99 25.43 -10.91
C GLU A 2 -4.67 25.81 -10.24
N PRO A 3 -4.72 26.75 -9.29
CA PRO A 3 -3.64 26.80 -8.29
C PRO A 3 -3.63 25.53 -7.41
N LEU A 4 -2.51 25.29 -6.76
CA LEU A 4 -2.42 24.14 -5.89
C LEU A 4 -3.17 24.44 -4.58
N LYS A 5 -3.73 23.39 -4.02
CA LYS A 5 -4.41 23.39 -2.78
C LYS A 5 -3.46 23.12 -1.61
N VAL A 6 -2.22 22.77 -1.94
CA VAL A 6 -1.25 22.34 -0.94
C VAL A 6 0.03 23.09 -1.15
N GLU A 7 0.82 23.19 -0.10
CA GLU A 7 2.13 23.79 -0.21
C GLU A 7 3.10 23.18 0.80
N LYS A 8 4.35 23.15 0.38
CA LYS A 8 5.46 22.79 1.26
C LYS A 8 5.68 23.83 2.32
N PHE A 9 6.01 23.38 3.54
CA PHE A 9 6.45 24.29 4.63
C PHE A 9 7.35 23.58 5.62
N ALA A 10 8.05 24.36 6.44
CA ALA A 10 8.92 23.84 7.51
C ALA A 10 8.06 23.76 8.78
N THR A 11 7.81 22.58 9.28
CA THR A 11 7.13 22.40 10.52
C THR A 11 8.13 22.72 11.66
N ALA A 12 7.56 22.87 12.81
CA ALA A 12 8.29 23.14 14.01
C ALA A 12 9.07 22.00 14.55
N ASN A 13 8.57 20.76 14.42
CA ASN A 13 9.32 19.64 14.97
C ASN A 13 9.24 18.32 14.22
N ARG A 14 8.82 18.41 12.96
CA ARG A 14 8.83 17.21 12.15
C ARG A 14 9.33 17.43 10.74
N GLY A 15 10.30 18.29 10.63
CA GLY A 15 10.90 18.54 9.35
C GLY A 15 10.00 19.29 8.44
N ASN A 16 10.13 19.05 7.14
CA ASN A 16 9.23 19.64 6.15
C ASN A 16 7.92 18.90 6.16
N GLY A 17 6.87 19.59 5.74
CA GLY A 17 5.51 19.05 5.68
C GLY A 17 4.72 19.67 4.58
N LEU A 18 3.45 19.31 4.48
CA LEU A 18 2.47 19.89 3.53
C LEU A 18 1.34 20.50 4.32
N ARG A 19 0.88 21.67 3.90
CA ARG A 19 -0.21 22.34 4.59
C ARG A 19 -1.23 22.83 3.56
N ALA A 20 -2.47 23.02 4.01
CA ALA A 20 -3.52 23.50 3.13
C ALA A 20 -3.31 24.99 2.79
N VAL A 21 -3.49 25.28 1.52
CA VAL A 21 -3.47 26.64 0.98
C VAL A 21 -4.86 27.24 1.12
N THR A 22 -5.91 26.42 0.94
CA THR A 22 -7.33 26.89 0.94
C THR A 22 -8.06 25.92 1.85
N PRO A 23 -9.28 26.23 2.35
CA PRO A 23 -10.01 25.23 3.16
C PRO A 23 -10.31 24.07 2.29
N LEU A 24 -10.18 22.86 2.85
CA LEU A 24 -10.44 21.63 2.11
C LEU A 24 -11.58 20.86 2.75
N ARG A 25 -12.38 20.19 1.93
CA ARG A 25 -13.53 19.37 2.43
C ARG A 25 -13.25 17.91 2.19
N PRO A 26 -13.90 17.04 2.96
CA PRO A 26 -13.72 15.62 2.67
C PRO A 26 -13.98 15.25 1.25
N GLY A 27 -13.12 14.41 0.67
CA GLY A 27 -13.24 13.98 -0.69
C GLY A 27 -12.51 14.80 -1.74
N GLU A 28 -12.05 15.98 -1.35
CA GLU A 28 -11.41 16.86 -2.28
C GLU A 28 -10.07 16.26 -2.71
N LEU A 29 -9.80 16.29 -3.99
CA LEU A 29 -8.56 15.84 -4.58
C LEU A 29 -7.52 16.90 -4.38
N LEU A 30 -6.45 16.56 -3.68
CA LEU A 30 -5.47 17.55 -3.27
C LEU A 30 -4.25 17.54 -4.12
N PHE A 31 -3.85 16.36 -4.55
CA PHE A 31 -2.70 16.18 -5.41
C PHE A 31 -2.75 14.80 -6.02
N ARG A 32 -2.12 14.66 -7.15
CA ARG A 32 -1.98 13.37 -7.79
C ARG A 32 -0.60 13.24 -8.45
N SER A 33 -0.10 12.03 -8.53
CA SER A 33 1.27 11.77 -9.01
C SER A 33 1.47 10.40 -9.57
N ASP A 34 2.27 10.35 -10.63
CA ASP A 34 2.94 9.09 -11.03
C ASP A 34 4.25 8.98 -10.25
N PRO A 35 4.85 7.82 -10.23
CA PRO A 35 6.04 7.71 -9.39
C PRO A 35 7.26 8.28 -10.10
N LEU A 36 8.23 8.71 -9.31
CA LEU A 36 9.58 8.95 -9.87
C LEU A 36 10.11 7.58 -10.41
N ALA A 37 9.98 6.55 -9.60
CA ALA A 37 10.38 5.20 -9.92
C ALA A 37 9.54 4.24 -9.14
N TYR A 38 9.30 3.08 -9.74
CA TYR A 38 8.54 2.01 -9.03
C TYR A 38 8.91 0.65 -9.59
N THR A 39 8.62 -0.37 -8.82
CA THR A 39 8.75 -1.69 -9.30
C THR A 39 7.67 -2.60 -8.69
N VAL A 40 7.38 -3.70 -9.37
CA VAL A 40 6.54 -4.75 -8.81
C VAL A 40 7.20 -5.35 -7.59
N CYS A 41 6.42 -5.74 -6.57
CA CYS A 41 6.99 -6.23 -5.35
C CYS A 41 7.31 -7.73 -5.49
N LYS A 42 8.12 -8.19 -4.54
CA LYS A 42 8.66 -9.55 -4.53
C LYS A 42 7.55 -10.63 -4.76
N GLY A 43 6.47 -10.61 -4.01
CA GLY A 43 5.46 -11.67 -4.16
C GLY A 43 4.62 -11.59 -5.43
N SER A 44 4.57 -10.41 -6.02
CA SER A 44 3.69 -10.18 -7.17
C SER A 44 4.48 -10.28 -8.49
N ARG A 45 5.79 -10.39 -8.42
CA ARG A 45 6.61 -10.54 -9.63
C ARG A 45 6.10 -11.74 -10.45
N GLY A 46 5.86 -11.53 -11.74
CA GLY A 46 5.27 -12.55 -12.56
C GLY A 46 3.78 -12.90 -12.35
N VAL A 47 3.09 -12.20 -11.44
CA VAL A 47 1.67 -12.37 -11.27
C VAL A 47 0.94 -11.15 -11.79
N VAL A 48 1.55 -9.96 -11.67
CA VAL A 48 0.97 -8.75 -12.24
C VAL A 48 1.91 -8.12 -13.22
N CYS A 49 1.35 -7.27 -14.09
CA CYS A 49 2.13 -6.62 -15.12
C CYS A 49 3.15 -5.69 -14.45
N ASP A 50 4.46 -5.81 -14.83
CA ASP A 50 5.48 -4.83 -14.38
C ASP A 50 5.11 -3.40 -14.57
N ARG A 51 4.42 -3.06 -15.64
CA ARG A 51 4.13 -1.66 -15.92
CA ARG A 51 4.11 -1.67 -15.95
C ARG A 51 2.83 -1.23 -15.23
N CYS A 52 1.69 -1.86 -15.56
CA CYS A 52 0.40 -1.30 -15.09
C CYS A 52 -0.05 -1.89 -13.74
N LEU A 53 0.62 -2.96 -13.27
CA LEU A 53 0.33 -3.61 -11.98
C LEU A 53 -1.05 -4.29 -11.88
N LEU A 54 -1.64 -4.53 -13.07
CA LEU A 54 -2.87 -5.36 -13.21
C LEU A 54 -2.50 -6.82 -13.40
N GLY A 55 -3.28 -7.76 -12.80
CA GLY A 55 -3.10 -9.22 -13.00
C GLY A 55 -3.68 -9.66 -14.36
N LYS A 56 -3.28 -10.81 -14.84
CA LYS A 56 -3.86 -11.37 -16.09
C LYS A 56 -3.65 -12.87 -16.11
N GLU A 57 -4.51 -13.55 -16.88
CA GLU A 57 -4.43 -15.01 -17.04
C GLU A 57 -3.02 -15.36 -17.50
N LYS A 58 -2.59 -14.68 -18.56
CA LYS A 58 -1.28 -14.90 -19.17
C LYS A 58 -0.48 -13.59 -19.13
N LEU A 59 0.74 -13.67 -18.61
CA LEU A 59 1.71 -12.61 -18.79
C LEU A 59 2.89 -13.00 -19.72
N MET A 60 3.36 -12.03 -20.46
CA MET A 60 4.43 -12.26 -21.39
C MET A 60 5.77 -11.68 -20.88
N ARG A 61 6.78 -12.51 -20.84
CA ARG A 61 8.09 -12.08 -20.41
C ARG A 61 8.94 -11.31 -21.38
N CYS A 62 9.78 -10.45 -20.84
CA CYS A 62 10.86 -9.82 -21.59
C CYS A 62 11.73 -10.91 -22.07
N SER A 63 11.98 -10.91 -23.36
CA SER A 63 12.84 -11.96 -23.90
C SER A 63 14.29 -11.92 -23.41
N GLN A 64 14.85 -10.72 -23.29
CA GLN A 64 16.28 -10.50 -22.94
C GLN A 64 16.50 -10.97 -21.51
N CYS A 65 15.80 -10.38 -20.53
CA CYS A 65 16.05 -10.80 -19.11
C CYS A 65 15.18 -11.95 -18.62
N ARG A 66 13.97 -12.13 -19.18
CA ARG A 66 12.98 -13.06 -18.65
C ARG A 66 12.55 -12.85 -17.17
N VAL A 67 12.72 -11.62 -16.66
CA VAL A 67 12.28 -11.31 -15.29
C VAL A 67 11.03 -10.36 -15.29
N ALA A 68 11.16 -9.31 -16.10
CA ALA A 68 10.06 -8.37 -16.34
C ALA A 68 8.97 -9.12 -17.11
N LYS A 69 7.70 -8.98 -16.68
CA LYS A 69 6.57 -9.59 -17.36
C LYS A 69 5.45 -8.61 -17.52
N TYR A 70 4.67 -8.75 -18.58
CA TYR A 70 3.76 -7.69 -18.97
C TYR A 70 2.44 -8.23 -19.41
N CYS A 71 1.42 -7.37 -19.32
CA CYS A 71 0.08 -7.84 -19.64
C CYS A 71 -0.18 -7.85 -21.14
N SER A 72 0.60 -7.09 -21.90
CA SER A 72 0.27 -6.73 -23.24
C SER A 72 1.51 -6.24 -23.95
N ALA A 73 1.47 -6.33 -25.28
CA ALA A 73 2.54 -5.69 -26.08
C ALA A 73 2.68 -4.16 -25.76
N LYS A 74 1.59 -3.48 -25.57
CA LYS A 74 1.60 -2.07 -25.31
C LYS A 74 2.39 -1.80 -24.01
N CYS A 75 2.10 -2.57 -22.98
CA CYS A 75 2.84 -2.37 -21.70
C CYS A 75 4.29 -2.71 -21.75
N GLN A 76 4.60 -3.79 -22.46
CA GLN A 76 6.04 -4.17 -22.60
C GLN A 76 6.80 -3.07 -23.35
N LYS A 77 6.17 -2.56 -24.42
CA LYS A 77 6.84 -1.57 -25.23
C LYS A 77 6.96 -0.24 -24.51
N LYS A 78 5.92 0.17 -23.84
CA LYS A 78 5.90 1.40 -23.08
C LYS A 78 6.85 1.38 -21.86
N ALA A 79 7.05 0.22 -21.28
CA ALA A 79 8.02 0.04 -20.20
C ALA A 79 9.47 0.04 -20.63
N TRP A 80 9.73 -0.16 -21.94
CA TRP A 80 11.10 -0.45 -22.35
C TRP A 80 12.09 0.67 -21.95
N PRO A 81 11.74 1.96 -22.17
CA PRO A 81 12.71 3.01 -21.82
C PRO A 81 13.19 2.93 -20.37
N ASP A 82 12.26 2.72 -19.45
CA ASP A 82 12.60 2.62 -18.05
C ASP A 82 13.02 1.22 -17.60
N HIS A 83 12.99 0.22 -18.48
CA HIS A 83 13.48 -1.13 -18.17
C HIS A 83 14.84 -1.49 -18.86
N LYS A 84 15.22 -0.73 -19.89
CA LYS A 84 16.36 -1.02 -20.79
C LYS A 84 17.64 -1.30 -20.00
N ARG A 85 17.95 -0.41 -19.05
CA ARG A 85 19.24 -0.51 -18.38
C ARG A 85 19.15 -1.54 -17.29
N GLU A 86 18.02 -1.68 -16.61
CA GLU A 86 17.99 -2.71 -15.58
C GLU A 86 17.97 -4.10 -16.22
N CYS A 87 17.47 -4.17 -17.45
CA CYS A 87 17.32 -5.49 -18.12
C CYS A 87 18.64 -6.29 -18.13
N LYS A 88 19.69 -5.59 -18.50
CA LYS A 88 21.05 -6.16 -18.57
C LYS A 88 21.50 -6.62 -17.19
N CYS A 89 21.25 -5.80 -16.18
CA CYS A 89 21.62 -6.17 -14.81
C CYS A 89 20.83 -7.34 -14.27
N LEU A 90 19.55 -7.42 -14.54
CA LEU A 90 18.74 -8.56 -14.10
C LEU A 90 19.14 -9.86 -14.86
N LYS A 91 19.56 -9.71 -16.12
CA LYS A 91 20.03 -10.85 -16.93
C LYS A 91 21.35 -11.30 -16.29
N SER A 92 22.34 -10.38 -16.38
CA SER A 92 23.73 -10.55 -15.95
C SER A 92 23.87 -11.21 -14.58
N CYS A 93 22.91 -10.99 -13.68
CA CYS A 93 22.95 -11.55 -12.33
C CYS A 93 21.97 -12.67 -12.03
N LYS A 94 21.36 -13.27 -13.06
CA LYS A 94 20.46 -14.43 -12.84
C LYS A 94 21.29 -15.64 -12.30
N PRO A 95 20.76 -16.51 -11.42
CA PRO A 95 19.41 -16.44 -10.83
C PRO A 95 19.31 -15.65 -9.50
N ARG A 96 20.25 -14.72 -9.26
CA ARG A 96 20.11 -13.82 -8.11
C ARG A 96 19.04 -12.74 -8.53
N TYR A 97 18.05 -12.47 -7.66
CA TYR A 97 17.07 -11.38 -7.85
C TYR A 97 17.27 -10.40 -6.69
N PRO A 98 17.34 -9.10 -6.99
CA PRO A 98 17.70 -8.24 -5.85
C PRO A 98 16.50 -7.93 -4.90
N PRO A 99 16.77 -7.42 -3.70
CA PRO A 99 15.69 -6.92 -2.84
C PRO A 99 14.94 -5.83 -3.58
N ASP A 100 13.67 -5.68 -3.25
CA ASP A 100 12.88 -4.66 -3.93
C ASP A 100 13.53 -3.28 -3.83
N SER A 101 14.14 -2.93 -2.71
CA SER A 101 14.68 -1.59 -2.54
C SER A 101 15.83 -1.34 -3.50
N VAL A 102 16.60 -2.39 -3.85
CA VAL A 102 17.71 -2.28 -4.73
C VAL A 102 17.22 -2.11 -6.18
N ARG A 103 16.21 -2.90 -6.59
CA ARG A 103 15.64 -2.71 -7.92
C ARG A 103 15.09 -1.28 -8.01
N LEU A 104 14.36 -0.87 -6.99
CA LEU A 104 13.79 0.47 -6.96
C LEU A 104 14.83 1.57 -7.11
N LEU A 105 15.87 1.48 -6.33
CA LEU A 105 16.95 2.47 -6.38
C LEU A 105 17.65 2.46 -7.75
N GLY A 106 17.87 1.29 -8.35
CA GLY A 106 18.39 1.30 -9.74
C GLY A 106 17.56 2.14 -10.70
N ARG A 107 16.25 1.92 -10.65
CA ARG A 107 15.32 2.75 -11.40
C ARG A 107 15.35 4.23 -11.11
N VAL A 108 15.47 4.62 -9.83
CA VAL A 108 15.74 5.97 -9.50
C VAL A 108 16.95 6.55 -10.27
N VAL A 109 18.06 5.82 -10.18
CA VAL A 109 19.32 6.29 -10.73
C VAL A 109 19.18 6.46 -12.24
N PHE A 110 18.63 5.46 -12.89
CA PHE A 110 18.43 5.55 -14.35
C PHE A 110 17.57 6.70 -14.75
N LYS A 111 16.48 6.90 -14.00
CA LYS A 111 15.58 8.05 -14.26
C LYS A 111 16.28 9.38 -14.05
N LEU A 112 17.07 9.53 -12.99
CA LEU A 112 17.71 10.80 -12.73
C LEU A 112 18.84 11.04 -13.73
N MET A 113 19.46 10.00 -14.19
CA MET A 113 20.51 10.17 -15.20
C MET A 113 19.99 10.41 -16.63
N ASP A 114 18.93 9.72 -17.05
CA ASP A 114 18.58 9.60 -18.47
C ASP A 114 17.28 10.26 -18.81
N GLY A 115 16.44 10.51 -17.81
CA GLY A 115 15.12 11.10 -18.05
C GLY A 115 15.04 12.60 -17.81
N ALA A 116 14.06 13.23 -18.41
CA ALA A 116 13.77 14.62 -18.23
C ALA A 116 13.32 14.81 -16.78
N PRO A 117 13.41 16.03 -16.28
CA PRO A 117 12.93 16.25 -14.91
C PRO A 117 11.51 15.71 -14.72
N SER A 118 11.30 15.01 -13.60
CA SER A 118 10.07 14.25 -13.46
C SER A 118 9.02 15.13 -12.79
N GLU A 119 7.79 15.04 -13.26
CA GLU A 119 6.69 15.77 -12.67
C GLU A 119 6.48 15.36 -11.19
N SER A 120 6.92 14.15 -10.85
CA SER A 120 6.75 13.61 -9.46
C SER A 120 7.57 14.40 -8.46
N GLU A 121 8.55 15.21 -8.94
CA GLU A 121 9.40 16.01 -8.09
C GLU A 121 9.01 17.46 -8.03
N LYS A 122 7.79 17.81 -8.45
CA LYS A 122 7.36 19.21 -8.49
C LYS A 122 7.48 19.95 -7.19
N LEU A 123 7.08 19.33 -6.06
CA LEU A 123 7.11 20.03 -4.76
C LEU A 123 8.34 19.76 -3.96
N TYR A 124 8.98 18.66 -4.28
CA TYR A 124 10.08 18.16 -3.46
C TYR A 124 10.71 17.04 -4.28
N SER A 125 12.03 16.97 -4.31
CA SER A 125 12.73 15.99 -5.12
C SER A 125 13.43 14.89 -4.31
N PHE A 126 13.92 13.86 -5.03
CA PHE A 126 14.67 12.80 -4.40
C PHE A 126 15.84 13.41 -3.59
N TYR A 127 16.51 14.41 -4.15
CA TYR A 127 17.64 15.03 -3.50
C TYR A 127 17.25 15.64 -2.17
N ASP A 128 16.02 16.18 -2.08
CA ASP A 128 15.50 16.81 -0.87
C ASP A 128 15.03 15.87 0.21
N LEU A 129 14.80 14.60 -0.11
CA LEU A 129 14.11 13.71 0.84
C LEU A 129 14.89 13.53 2.16
N GLU A 130 14.13 13.32 3.20
CA GLU A 130 14.67 13.05 4.54
C GLU A 130 15.34 11.67 4.54
N SER A 131 16.53 11.63 5.13
CA SER A 131 17.28 10.38 5.30
C SER A 131 17.35 9.93 6.76
N ASN A 132 17.13 10.86 7.71
CA ASN A 132 17.34 10.58 9.14
C ASN A 132 18.67 9.97 9.46
N ILE A 133 19.75 10.37 8.75
CA ILE A 133 21.06 9.74 8.97
C ILE A 133 21.57 9.89 10.38
N ASN A 134 21.27 11.01 10.99
CA ASN A 134 21.75 11.21 12.38
C ASN A 134 20.94 10.54 13.48
N LYS A 135 19.88 9.87 13.08
CA LYS A 135 19.13 9.02 14.02
C LYS A 135 19.31 7.52 13.79
N LEU A 136 19.99 7.10 12.71
CA LEU A 136 20.11 5.69 12.42
C LEU A 136 20.94 5.03 13.49
N THR A 137 20.46 3.88 13.96
CA THR A 137 21.24 3.05 14.87
C THR A 137 22.40 2.30 14.15
N GLU A 138 23.40 1.84 14.86
CA GLU A 138 24.51 1.13 14.26
C GLU A 138 24.00 -0.13 13.53
N ASP A 139 22.97 -0.75 14.07
CA ASP A 139 22.43 -1.94 13.46
C ASP A 139 21.77 -1.62 12.12
N ARG A 140 21.06 -0.51 12.06
CA ARG A 140 20.48 -0.07 10.80
C ARG A 140 21.59 0.31 9.81
N LYS A 141 22.62 0.99 10.28
CA LYS A 141 23.73 1.40 9.41
C LYS A 141 24.35 0.19 8.75
N GLU A 142 24.53 -0.86 9.52
CA GLU A 142 25.07 -2.10 8.93
C GLU A 142 24.16 -2.68 7.84
N GLY A 143 22.86 -2.70 8.11
CA GLY A 143 21.89 -3.15 7.12
C GLY A 143 21.97 -2.32 5.85
N LEU A 144 22.16 -0.99 5.98
CA LEU A 144 22.32 -0.13 4.78
C LEU A 144 23.58 -0.35 4.03
N ARG A 145 24.69 -0.61 4.74
CA ARG A 145 25.95 -0.95 4.09
C ARG A 145 25.81 -2.17 3.24
N GLN A 146 25.03 -3.16 3.72
CA GLN A 146 24.88 -4.37 2.95
C GLN A 146 24.01 -4.08 1.72
N LEU A 147 22.98 -3.22 1.86
CA LEU A 147 22.16 -2.82 0.69
C LEU A 147 23.02 -2.09 -0.32
N VAL A 148 23.93 -1.21 0.12
CA VAL A 148 24.86 -0.52 -0.81
C VAL A 148 25.67 -1.54 -1.63
N MET A 149 26.24 -2.53 -0.95
CA MET A 149 27.07 -3.52 -1.67
C MET A 149 26.23 -4.37 -2.58
N THR A 150 24.99 -4.71 -2.17
CA THR A 150 24.06 -5.43 -3.07
C THR A 150 23.76 -4.62 -4.31
N PHE A 151 23.57 -3.31 -4.16
CA PHE A 151 23.32 -2.45 -5.32
C PHE A 151 24.52 -2.47 -6.25
N GLN A 152 25.70 -2.39 -5.69
CA GLN A 152 26.90 -2.27 -6.46
C GLN A 152 27.13 -3.54 -7.31
N HIS A 153 26.84 -4.67 -6.70
CA HIS A 153 26.89 -5.97 -7.33
C HIS A 153 25.84 -6.09 -8.44
N PHE A 154 24.59 -5.79 -8.13
CA PHE A 154 23.46 -5.95 -9.08
C PHE A 154 23.63 -5.04 -10.25
N MET A 155 24.16 -3.85 -10.02
CA MET A 155 24.23 -2.85 -11.05
C MET A 155 25.50 -2.79 -11.85
N ARG A 156 26.48 -3.65 -11.59
CA ARG A 156 27.84 -3.44 -12.09
C ARG A 156 27.95 -3.39 -13.64
N GLU A 157 27.13 -4.15 -14.36
CA GLU A 157 27.06 -3.96 -15.82
C GLU A 157 26.79 -2.52 -16.28
N GLU A 158 26.01 -1.76 -15.52
CA GLU A 158 25.53 -0.44 -15.96
C GLU A 158 26.09 0.72 -15.21
N ILE A 159 26.49 0.49 -13.95
CA ILE A 159 27.03 1.53 -13.13
C ILE A 159 28.30 0.92 -12.56
N GLN A 160 29.44 1.39 -13.05
CA GLN A 160 30.75 0.94 -12.57
C GLN A 160 31.33 1.92 -11.56
N ASP A 161 31.14 3.23 -11.79
CA ASP A 161 31.71 4.28 -10.91
C ASP A 161 30.77 5.48 -10.75
N ALA A 162 31.27 6.51 -10.05
CA ALA A 162 30.51 7.70 -9.72
C ALA A 162 30.09 8.55 -10.92
N SER A 163 30.78 8.40 -12.05
CA SER A 163 30.46 9.16 -13.27
C SER A 163 29.10 8.73 -13.81
N GLN A 164 28.67 7.51 -13.47
CA GLN A 164 27.33 7.02 -13.83
C GLN A 164 26.24 7.23 -12.75
N LEU A 165 26.53 8.00 -11.70
CA LEU A 165 25.55 8.39 -10.71
C LEU A 165 25.36 9.89 -10.78
N PRO A 166 24.22 10.39 -10.30
CA PRO A 166 24.09 11.83 -10.21
C PRO A 166 25.16 12.54 -9.41
N PRO A 167 25.24 13.88 -9.57
CA PRO A 167 26.39 14.58 -8.95
C PRO A 167 26.40 14.48 -7.40
N ALA A 168 27.51 14.05 -6.83
CA ALA A 168 27.64 13.87 -5.34
C ALA A 168 26.59 12.86 -4.70
N PHE A 169 26.00 12.00 -5.51
CA PHE A 169 25.01 10.95 -5.07
C PHE A 169 25.67 9.98 -4.12
N ASP A 170 25.09 9.74 -2.95
CA ASP A 170 25.75 8.87 -1.99
C ASP A 170 24.76 7.72 -1.84
N LEU A 171 25.17 6.53 -2.20
CA LEU A 171 24.28 5.37 -2.17
C LEU A 171 23.77 5.05 -0.77
N PHE A 172 24.60 5.27 0.28
CA PHE A 172 24.17 4.95 1.64
C PHE A 172 23.00 5.88 1.98
N GLU A 173 23.21 7.17 1.71
CA GLU A 173 22.17 8.16 1.95
C GLU A 173 20.90 7.86 1.13
N ALA A 174 21.10 7.45 -0.11
CA ALA A 174 19.95 7.11 -0.98
C ALA A 174 19.11 6.00 -0.37
N PHE A 175 19.74 4.96 0.14
CA PHE A 175 19.02 3.87 0.71
C PHE A 175 18.34 4.35 1.99
N ALA A 176 19.00 5.23 2.77
CA ALA A 176 18.34 5.79 3.96
C ALA A 176 17.04 6.55 3.59
N LYS A 177 17.09 7.27 2.48
CA LYS A 177 15.89 7.93 1.94
C LYS A 177 14.84 6.92 1.50
N VAL A 178 15.25 5.86 0.85
CA VAL A 178 14.28 4.87 0.37
C VAL A 178 13.53 4.25 1.55
N ILE A 179 14.24 3.93 2.64
CA ILE A 179 13.64 3.32 3.80
C ILE A 179 12.45 4.15 4.35
N CYS A 180 12.64 5.44 4.51
CA CYS A 180 11.61 6.20 5.15
C CYS A 180 10.70 6.99 4.18
N ASN A 181 10.90 6.82 2.87
CA ASN A 181 10.02 7.45 1.87
C ASN A 181 9.40 6.50 0.85
N SER A 182 9.60 5.20 0.94
CA SER A 182 8.94 4.30 0.00
C SER A 182 7.45 4.21 0.24
N PHE A 183 6.67 4.20 -0.83
CA PHE A 183 5.25 3.96 -0.77
C PHE A 183 4.95 2.53 -1.19
N THR A 184 4.08 1.90 -0.39
CA THR A 184 3.56 0.57 -0.75
C THR A 184 2.33 0.69 -1.67
N ILE A 185 2.46 0.20 -2.92
CA ILE A 185 1.40 0.32 -3.93
C ILE A 185 0.48 -0.90 -3.79
N CYS A 186 -0.80 -0.70 -3.50
CA CYS A 186 -1.77 -1.78 -3.53
C CYS A 186 -2.67 -1.66 -4.72
N ASN A 187 -3.16 -2.83 -5.17
CA ASN A 187 -4.10 -2.86 -6.31
C ASN A 187 -5.52 -2.45 -5.87
N ALA A 188 -6.48 -2.51 -6.77
CA ALA A 188 -7.82 -2.02 -6.47
C ALA A 188 -8.48 -2.85 -5.32
N GLU A 189 -8.08 -4.11 -5.20
CA GLU A 189 -8.53 -5.03 -4.15
C GLU A 189 -7.72 -4.90 -2.85
N MET A 190 -6.80 -3.92 -2.79
CA MET A 190 -5.92 -3.65 -1.64
C MET A 190 -4.86 -4.73 -1.38
N GLN A 191 -4.57 -5.57 -2.38
CA GLN A 191 -3.46 -6.48 -2.34
C GLN A 191 -2.19 -5.69 -2.69
N GLU A 192 -1.17 -5.83 -1.86
CA GLU A 192 0.16 -5.27 -2.18
C GLU A 192 0.69 -5.77 -3.51
N VAL A 193 1.06 -4.86 -4.40
CA VAL A 193 1.60 -5.27 -5.68
C VAL A 193 2.90 -4.59 -6.04
N GLY A 194 3.26 -3.49 -5.40
CA GLY A 194 4.47 -2.77 -5.82
C GLY A 194 4.99 -1.83 -4.77
N VAL A 195 6.10 -1.17 -5.07
CA VAL A 195 6.73 -0.16 -4.25
C VAL A 195 7.18 0.99 -5.12
N GLY A 196 7.01 2.23 -4.69
CA GLY A 196 7.38 3.37 -5.50
C GLY A 196 7.85 4.54 -4.67
N LEU A 197 8.56 5.45 -5.30
CA LEU A 197 8.89 6.75 -4.71
C LEU A 197 8.09 7.83 -5.40
N TYR A 198 7.54 8.74 -4.63
CA TYR A 198 6.65 9.84 -5.04
C TYR A 198 7.09 11.08 -4.29
N PRO A 199 8.18 11.75 -4.73
CA PRO A 199 8.88 12.66 -3.84
C PRO A 199 8.04 13.85 -3.35
N SER A 200 7.16 14.39 -4.20
CA SER A 200 6.25 15.47 -3.74
C SER A 200 5.32 14.99 -2.57
N ILE A 201 4.76 13.80 -2.73
CA ILE A 201 3.88 13.19 -1.79
C ILE A 201 4.60 12.85 -0.48
N SER A 202 5.92 12.66 -0.57
CA SER A 202 6.74 12.30 0.54
C SER A 202 6.86 13.44 1.55
N LEU A 203 6.41 14.62 1.20
CA LEU A 203 6.24 15.70 2.20
C LEU A 203 5.26 15.42 3.34
N LEU A 204 4.30 14.52 3.10
CA LEU A 204 3.30 14.22 4.13
C LEU A 204 3.90 13.59 5.34
N ASN A 205 3.66 14.23 6.48
CA ASN A 205 3.91 13.62 7.75
C ASN A 205 2.82 12.62 8.20
N HIS A 206 3.18 11.83 9.19
CA HIS A 206 2.34 10.76 9.76
C HIS A 206 1.39 11.26 10.86
N SER A 207 0.17 10.73 10.91
CA SER A 207 -0.69 10.77 12.07
C SER A 207 -1.35 9.43 12.26
N CYS A 208 -1.58 9.04 13.54
CA CYS A 208 -2.31 7.83 13.85
C CYS A 208 -3.85 8.12 13.73
N ASP A 209 -4.19 9.36 13.47
CA ASP A 209 -5.59 9.75 13.16
C ASP A 209 -5.64 10.90 12.14
N PRO A 210 -5.42 10.54 10.87
CA PRO A 210 -5.02 11.54 9.90
C PRO A 210 -6.18 12.31 9.29
N ASN A 211 -5.82 13.31 8.49
CA ASN A 211 -6.87 14.10 7.82
C ASN A 211 -6.88 13.89 6.34
N CYS A 212 -5.95 13.14 5.78
CA CYS A 212 -5.97 12.78 4.39
C CYS A 212 -5.71 11.28 4.26
N SER A 213 -5.90 10.83 3.03
CA SER A 213 -5.69 9.44 2.63
C SER A 213 -5.03 9.41 1.29
N ILE A 214 -4.26 8.35 1.02
CA ILE A 214 -3.77 8.03 -0.30
C ILE A 214 -4.42 6.72 -0.84
N VAL A 215 -4.65 6.70 -2.14
CA VAL A 215 -5.05 5.46 -2.82
C VAL A 215 -4.31 5.38 -4.16
N PHE A 216 -4.18 4.16 -4.64
CA PHE A 216 -3.49 3.88 -5.87
C PHE A 216 -4.45 3.33 -6.89
N ASN A 217 -4.23 3.74 -8.15
CA ASN A 217 -4.93 3.21 -9.32
C ASN A 217 -3.80 2.81 -10.28
N GLY A 218 -3.43 1.57 -10.24
CA GLY A 218 -2.16 1.15 -10.85
C GLY A 218 -1.01 1.90 -10.15
N PRO A 219 -0.02 2.40 -10.91
CA PRO A 219 1.03 3.12 -10.23
C PRO A 219 0.66 4.55 -9.82
N HIS A 220 -0.52 5.02 -10.23
CA HIS A 220 -0.89 6.39 -10.01
C HIS A 220 -1.46 6.59 -8.61
N LEU A 221 -0.98 7.64 -7.94
CA LEU A 221 -1.37 7.94 -6.60
C LEU A 221 -2.27 9.16 -6.54
N LEU A 222 -3.41 9.04 -5.81
CA LEU A 222 -4.31 10.14 -5.54
C LEU A 222 -4.29 10.46 -4.06
N LEU A 223 -4.09 11.72 -3.70
CA LEU A 223 -4.11 12.24 -2.31
C LEU A 223 -5.43 12.97 -2.12
N ARG A 224 -6.24 12.60 -1.11
CA ARG A 224 -7.53 13.22 -0.93
C ARG A 224 -7.71 13.60 0.54
N ALA A 225 -8.42 14.70 0.78
CA ALA A 225 -8.80 14.99 2.16
C ALA A 225 -9.87 14.02 2.64
N VAL A 226 -9.80 13.63 3.92
CA VAL A 226 -10.85 12.82 4.49
C VAL A 226 -11.54 13.44 5.67
N ARG A 227 -11.13 14.67 6.02
CA ARG A 227 -11.75 15.51 7.01
C ARG A 227 -11.76 16.92 6.49
N ASP A 228 -12.52 17.79 7.17
CA ASP A 228 -12.37 19.23 6.94
C ASP A 228 -10.96 19.68 7.37
N ILE A 229 -10.36 20.59 6.60
CA ILE A 229 -9.02 21.06 6.89
C ILE A 229 -9.02 22.54 6.70
N GLU A 230 -8.44 23.24 7.65
CA GLU A 230 -8.41 24.70 7.58
C GLU A 230 -7.19 25.19 6.83
N VAL A 231 -7.24 26.43 6.36
CA VAL A 231 -6.06 27.09 5.76
C VAL A 231 -4.94 27.05 6.78
N GLY A 232 -3.74 26.65 6.27
CA GLY A 232 -2.55 26.51 7.07
C GLY A 232 -2.41 25.27 7.92
N GLU A 233 -3.45 24.44 7.96
CA GLU A 233 -3.37 23.24 8.76
C GLU A 233 -2.51 22.16 8.04
N GLU A 234 -1.71 21.45 8.81
CA GLU A 234 -0.84 20.40 8.26
C GLU A 234 -1.69 19.22 7.75
N LEU A 235 -1.31 18.74 6.60
CA LEU A 235 -1.90 17.51 6.01
C LEU A 235 -1.13 16.32 6.50
N THR A 236 -1.88 15.27 6.87
CA THR A 236 -1.26 14.03 7.37
C THR A 236 -1.92 12.81 6.79
N ILE A 237 -1.14 11.75 6.65
CA ILE A 237 -1.69 10.45 6.35
C ILE A 237 -1.19 9.50 7.42
N CYS A 238 -1.82 8.35 7.58
CA CYS A 238 -1.32 7.31 8.45
C CYS A 238 -0.36 6.45 7.61
N TYR A 239 0.91 6.40 8.02
CA TYR A 239 1.89 5.60 7.31
C TYR A 239 1.63 4.08 7.43
N LEU A 240 0.84 3.69 8.46
CA LEU A 240 0.77 2.30 8.86
C LEU A 240 -0.58 1.65 8.71
N ASP A 241 -0.57 0.36 8.58
CA ASP A 241 -1.73 -0.48 8.85
C ASP A 241 -2.48 -0.04 10.08
N MET A 242 -3.80 0.08 9.96
CA MET A 242 -4.64 0.50 11.13
C MET A 242 -4.80 -0.61 12.17
N LEU A 243 -4.61 -1.85 11.78
CA LEU A 243 -4.77 -2.98 12.70
C LEU A 243 -3.41 -3.29 13.39
N MET A 244 -3.01 -2.31 14.20
CA MET A 244 -1.81 -2.30 14.98
C MET A 244 -2.07 -1.64 16.35
N THR A 245 -1.41 -2.19 17.39
CA THR A 245 -1.45 -1.55 18.68
C THR A 245 -0.51 -0.38 18.74
N SER A 246 -0.64 0.44 19.78
CA SER A 246 0.28 1.53 19.98
C SER A 246 1.74 1.06 20.18
N GLU A 247 1.95 -0.08 20.85
CA GLU A 247 3.28 -0.64 20.95
C GLU A 247 3.88 -1.03 19.61
N GLU A 248 3.07 -1.68 18.76
CA GLU A 248 3.47 -2.02 17.39
C GLU A 248 3.71 -0.79 16.57
N ARG A 249 2.89 0.24 16.70
CA ARG A 249 3.16 1.45 15.94
C ARG A 249 4.47 2.10 16.41
N ARG A 250 4.72 2.10 17.72
CA ARG A 250 5.94 2.63 18.27
C ARG A 250 7.14 1.96 17.67
N LYS A 251 7.13 0.65 17.56
CA LYS A 251 8.32 -0.06 17.09
C LYS A 251 8.59 0.28 15.59
N GLN A 252 7.53 0.25 14.78
CA GLN A 252 7.69 0.55 13.35
C GLN A 252 8.08 2.00 13.12
N LEU A 253 7.46 2.92 13.81
CA LEU A 253 7.79 4.34 13.63
C LEU A 253 9.21 4.65 14.09
N ARG A 254 9.68 3.99 15.14
CA ARG A 254 11.08 4.06 15.45
C ARG A 254 12.02 3.43 14.41
N ASP A 255 11.78 2.17 14.10
CA ASP A 255 12.69 1.35 13.35
C ASP A 255 12.83 1.87 11.91
N GLN A 256 11.69 2.23 11.29
CA GLN A 256 11.61 2.61 9.92
C GLN A 256 11.71 4.12 9.75
N TYR A 257 11.08 4.89 10.64
CA TYR A 257 10.88 6.32 10.45
C TYR A 257 11.66 7.23 11.39
N CYS A 258 12.23 6.64 12.44
CA CYS A 258 13.05 7.37 13.39
C CYS A 258 12.30 8.50 14.08
N PHE A 259 11.04 8.28 14.50
CA PHE A 259 10.40 9.19 15.40
C PHE A 259 9.50 8.48 16.41
N GLU A 260 9.23 9.26 17.45
CA GLU A 260 8.37 8.91 18.58
C GLU A 260 7.07 9.70 18.41
N CYS A 261 5.94 9.04 18.56
CA CYS A 261 4.62 9.70 18.51
C CYS A 261 4.03 9.92 19.87
N ASP A 262 3.72 11.20 20.22
CA ASP A 262 2.97 11.51 21.46
C ASP A 262 1.57 12.02 21.17
N CYS A 263 0.94 11.56 20.09
CA CYS A 263 -0.46 11.85 19.84
C CYS A 263 -1.38 11.27 20.82
N PHE A 264 -2.61 11.77 20.85
CA PHE A 264 -3.58 11.33 21.84
C PHE A 264 -3.77 9.78 21.82
N ARG A 265 -3.87 9.21 20.64
CA ARG A 265 -4.01 7.75 20.49
C ARG A 265 -2.87 7.04 21.13
N CYS A 266 -1.64 7.49 20.88
CA CYS A 266 -0.48 6.78 21.45
C CYS A 266 -0.36 7.03 22.97
N GLN A 267 -0.70 8.23 23.41
CA GLN A 267 -0.66 8.51 24.85
C GLN A 267 -1.67 7.74 25.63
N THR A 268 -2.79 7.41 25.02
CA THR A 268 -3.85 6.72 25.76
C THR A 268 -4.03 5.25 25.36
N GLN A 269 -3.16 4.77 24.49
CA GLN A 269 -3.27 3.37 24.03
C GLN A 269 -4.67 3.15 23.48
N ASP A 270 -5.11 4.12 22.70
CA ASP A 270 -6.43 4.12 22.12
C ASP A 270 -6.70 2.83 21.28
N LYS A 271 -7.74 2.09 21.67
CA LYS A 271 -8.19 0.84 21.05
C LYS A 271 -7.36 -0.41 21.31
N ASP A 272 -6.21 -0.26 21.94
CA ASP A 272 -5.31 -1.39 22.16
C ASP A 272 -5.99 -2.54 22.94
N ALA A 273 -6.79 -2.17 23.95
CA ALA A 273 -7.39 -3.22 24.82
C ALA A 273 -8.39 -4.07 24.04
N ASP A 274 -9.24 -3.40 23.27
CA ASP A 274 -10.20 -4.14 22.41
C ASP A 274 -9.47 -5.02 21.35
N MET A 275 -8.40 -4.47 20.77
CA MET A 275 -7.66 -5.17 19.74
C MET A 275 -7.05 -6.44 20.22
N LEU A 276 -6.77 -6.51 21.55
CA LEU A 276 -6.06 -7.70 22.10
C LEU A 276 -7.02 -8.52 23.01
N THR A 277 -8.32 -8.44 22.76
CA THR A 277 -9.24 -9.22 23.55
C THR A 277 -9.13 -10.71 23.19
N GLY A 278 -9.58 -11.51 24.17
CA GLY A 278 -9.39 -12.98 24.01
C GLY A 278 -8.11 -13.47 24.68
N ASP A 279 -7.91 -14.76 24.63
CA ASP A 279 -6.83 -15.35 25.42
C ASP A 279 -5.51 -15.13 24.73
N GLU A 280 -4.56 -14.61 25.51
CA GLU A 280 -3.23 -14.27 24.97
C GLU A 280 -2.49 -15.47 24.40
N GLN A 281 -2.62 -16.63 25.00
CA GLN A 281 -1.94 -17.78 24.44
C GLN A 281 -2.39 -18.11 23.01
N VAL A 282 -3.69 -17.95 22.77
CA VAL A 282 -4.21 -18.17 21.45
C VAL A 282 -3.76 -17.10 20.47
N TRP A 283 -3.94 -15.82 20.85
CA TRP A 283 -3.61 -14.78 19.88
C TRP A 283 -2.13 -14.69 19.66
N LYS A 284 -1.31 -15.07 20.63
CA LYS A 284 0.15 -15.14 20.31
C LYS A 284 0.45 -16.15 19.22
N GLU A 285 -0.22 -17.31 19.27
CA GLU A 285 0.01 -18.35 18.26
C GLU A 285 -0.54 -17.90 16.93
N VAL A 286 -1.69 -17.19 16.96
CA VAL A 286 -2.28 -16.72 15.71
C VAL A 286 -1.39 -15.65 15.08
N GLN A 287 -0.86 -14.77 15.89
CA GLN A 287 0.07 -13.77 15.39
C GLN A 287 1.31 -14.45 14.74
N GLU A 288 1.80 -15.50 15.34
CA GLU A 288 2.95 -16.20 14.77
C GLU A 288 2.58 -16.86 13.42
N SER A 289 1.41 -17.55 13.36
CA SER A 289 0.90 -18.18 12.13
C SER A 289 0.66 -17.18 11.06
N LEU A 290 0.27 -15.96 11.45
CA LEU A 290 0.05 -14.89 10.43
C LEU A 290 1.36 -14.45 9.70
N LYS A 291 2.53 -14.70 10.26
CA LYS A 291 3.79 -14.47 9.42
C LYS A 291 3.74 -15.27 8.13
N LYS A 292 3.37 -16.54 8.30
CA LYS A 292 3.29 -17.42 7.18
C LYS A 292 2.07 -17.17 6.30
N ILE A 293 0.90 -17.02 6.92
CA ILE A 293 -0.29 -16.73 6.15
C ILE A 293 -0.06 -15.47 5.25
N GLU A 294 0.54 -14.39 5.82
CA GLU A 294 0.76 -13.18 5.05
C GLU A 294 1.80 -13.35 3.99
N GLU A 295 2.84 -14.12 4.26
CA GLU A 295 3.81 -14.51 3.22
C GLU A 295 3.14 -15.24 2.04
N LEU A 296 2.34 -16.27 2.35
CA LEU A 296 1.58 -16.97 1.32
C LEU A 296 0.66 -16.04 0.52
N LYS A 297 -0.03 -15.12 1.20
CA LYS A 297 -0.94 -14.22 0.54
C LYS A 297 -0.15 -13.29 -0.38
N ALA A 298 1.01 -12.82 0.08
CA ALA A 298 1.80 -11.89 -0.76
C ALA A 298 2.18 -12.51 -2.08
N HIS A 299 2.36 -13.82 -2.07
CA HIS A 299 2.69 -14.61 -3.27
C HIS A 299 1.46 -15.21 -3.96
N TRP A 300 0.26 -14.76 -3.56
CA TRP A 300 -0.98 -15.12 -4.17
C TRP A 300 -1.31 -16.61 -4.10
N LYS A 301 -0.91 -17.26 -2.99
CA LYS A 301 -1.11 -18.69 -2.81
C LYS A 301 -2.40 -19.02 -2.07
N TRP A 302 -3.52 -18.85 -2.75
CA TRP A 302 -4.81 -18.71 -2.06
C TRP A 302 -5.25 -20.00 -1.39
N GLU A 303 -4.97 -21.15 -1.99
CA GLU A 303 -5.41 -22.43 -1.37
C GLU A 303 -4.67 -22.66 -0.09
N GLN A 304 -3.37 -22.40 -0.06
CA GLN A 304 -2.60 -22.54 1.16
C GLN A 304 -2.98 -21.52 2.27
N VAL A 305 -3.29 -20.33 1.85
CA VAL A 305 -3.80 -19.31 2.73
C VAL A 305 -5.07 -19.80 3.37
N LEU A 306 -6.03 -20.21 2.55
CA LEU A 306 -7.33 -20.63 3.10
C LEU A 306 -7.19 -21.76 4.05
N ALA A 307 -6.38 -22.77 3.70
CA ALA A 307 -6.22 -23.92 4.62
C ALA A 307 -5.68 -23.50 5.98
N MET A 308 -4.68 -22.61 6.01
CA MET A 308 -4.13 -22.14 7.28
C MET A 308 -5.18 -21.35 8.08
N CYS A 309 -5.96 -20.57 7.39
CA CYS A 309 -6.95 -19.68 8.01
C CYS A 309 -8.12 -20.48 8.56
N GLN A 310 -8.58 -21.49 7.85
CA GLN A 310 -9.66 -22.33 8.35
C GLN A 310 -9.22 -23.08 9.60
N ALA A 311 -7.97 -23.50 9.68
CA ALA A 311 -7.45 -24.15 10.87
C ALA A 311 -7.53 -23.29 12.12
N ILE A 312 -7.58 -21.97 11.95
CA ILE A 312 -7.75 -21.04 13.05
C ILE A 312 -9.22 -20.68 13.26
N ILE A 313 -9.89 -20.22 12.21
CA ILE A 313 -11.23 -19.71 12.33
C ILE A 313 -12.20 -20.82 12.83
N SER A 314 -12.02 -22.04 12.33
CA SER A 314 -12.86 -23.14 12.73
C SER A 314 -12.06 -24.12 13.54
N SER A 315 -11.16 -23.65 14.37
CA SER A 315 -10.32 -24.54 15.17
C SER A 315 -11.12 -25.41 16.14
N ASN A 316 -10.61 -26.63 16.36
CA ASN A 316 -11.15 -27.43 17.46
C ASN A 316 -10.81 -26.88 18.80
N SER A 317 -9.70 -26.17 18.90
CA SER A 317 -9.22 -25.57 20.11
C SER A 317 -9.66 -24.15 20.23
N GLU A 318 -9.23 -23.47 21.29
CA GLU A 318 -9.81 -22.22 21.68
C GLU A 318 -9.77 -21.15 20.59
N ARG A 319 -10.82 -20.33 20.58
CA ARG A 319 -11.00 -19.33 19.52
C ARG A 319 -10.96 -17.92 20.09
N LEU A 320 -10.87 -16.98 19.16
CA LEU A 320 -10.74 -15.55 19.49
C LEU A 320 -11.95 -14.78 19.00
N PRO A 321 -12.20 -13.60 19.63
CA PRO A 321 -13.24 -12.73 19.18
C PRO A 321 -12.82 -12.06 17.85
N ASP A 322 -13.80 -11.76 16.99
CA ASP A 322 -13.47 -11.18 15.69
C ASP A 322 -12.89 -9.75 15.75
N ILE A 323 -13.05 -9.09 16.90
CA ILE A 323 -12.46 -7.78 17.13
C ILE A 323 -11.00 -7.87 17.56
N ASN A 324 -10.51 -9.04 17.92
CA ASN A 324 -9.04 -9.20 18.09
C ASN A 324 -8.30 -9.03 16.73
N ILE A 325 -7.27 -8.19 16.63
CA ILE A 325 -6.73 -7.84 15.39
C ILE A 325 -6.09 -9.02 14.62
N TYR A 326 -5.51 -9.99 15.33
CA TYR A 326 -4.89 -11.16 14.70
C TYR A 326 -6.00 -12.06 14.13
N GLN A 327 -7.08 -12.29 14.92
CA GLN A 327 -8.27 -12.99 14.40
C GLN A 327 -8.80 -12.26 13.17
N LEU A 328 -8.87 -10.95 13.22
CA LEU A 328 -9.46 -10.14 12.12
C LEU A 328 -8.60 -10.26 10.87
N LYS A 329 -7.30 -10.23 11.05
CA LYS A 329 -6.41 -10.33 9.89
C LYS A 329 -6.57 -11.74 9.24
N VAL A 330 -6.76 -12.74 10.05
CA VAL A 330 -7.02 -14.10 9.55
C VAL A 330 -8.34 -14.11 8.78
N LEU A 331 -9.43 -13.56 9.35
CA LEU A 331 -10.69 -13.44 8.58
C LEU A 331 -10.52 -12.78 7.24
N ASP A 332 -9.78 -11.67 7.25
CA ASP A 332 -9.49 -10.86 6.05
CA ASP A 332 -9.58 -10.94 6.03
C ASP A 332 -8.81 -11.74 4.99
N CYS A 333 -7.75 -12.44 5.39
CA CYS A 333 -7.01 -13.29 4.46
C CYS A 333 -7.94 -14.42 3.94
N ALA A 334 -8.76 -15.00 4.81
CA ALA A 334 -9.64 -16.07 4.39
C ALA A 334 -10.69 -15.57 3.40
N MET A 335 -11.27 -14.39 3.66
CA MET A 335 -12.20 -13.76 2.72
C MET A 335 -11.54 -13.60 1.31
N ASP A 336 -10.36 -12.95 1.25
CA ASP A 336 -9.69 -12.66 -0.03
C ASP A 336 -9.32 -13.99 -0.74
N ALA A 337 -8.91 -14.98 0.02
CA ALA A 337 -8.60 -16.30 -0.55
C ALA A 337 -9.88 -16.90 -1.17
N CYS A 338 -11.00 -16.92 -0.44
CA CYS A 338 -12.26 -17.46 -0.98
C CYS A 338 -12.72 -16.72 -2.21
N ILE A 339 -12.55 -15.40 -2.22
CA ILE A 339 -13.00 -14.62 -3.38
C ILE A 339 -12.18 -15.05 -4.61
N ASN A 340 -10.89 -15.12 -4.40
CA ASN A 340 -9.98 -15.48 -5.51
C ASN A 340 -10.16 -16.91 -5.97
N LEU A 341 -10.62 -17.80 -5.10
CA LEU A 341 -10.95 -19.22 -5.39
C LEU A 341 -12.38 -19.47 -5.84
N GLY A 342 -13.22 -18.43 -5.89
CA GLY A 342 -14.63 -18.60 -6.27
C GLY A 342 -15.55 -19.28 -5.26
N LEU A 343 -15.13 -19.34 -3.97
CA LEU A 343 -15.83 -19.95 -2.87
C LEU A 343 -16.63 -18.77 -2.27
N LEU A 344 -17.68 -18.35 -2.96
CA LEU A 344 -18.33 -17.07 -2.68
C LEU A 344 -19.20 -17.09 -1.43
N GLU A 345 -19.83 -18.20 -1.13
CA GLU A 345 -20.67 -18.28 0.06
C GLU A 345 -19.74 -18.19 1.29
N GLU A 346 -18.68 -18.95 1.25
CA GLU A 346 -17.68 -18.94 2.30
C GLU A 346 -16.99 -17.56 2.45
N ALA A 347 -16.63 -16.92 1.34
CA ALA A 347 -16.07 -15.57 1.36
C ALA A 347 -17.01 -14.66 2.11
N LEU A 348 -18.29 -14.71 1.78
CA LEU A 348 -19.25 -13.79 2.40
C LEU A 348 -19.34 -14.00 3.92
N PHE A 349 -19.25 -15.23 4.36
CA PHE A 349 -19.25 -15.53 5.77
C PHE A 349 -18.12 -14.79 6.48
N TYR A 350 -16.90 -14.96 5.98
CA TYR A 350 -15.77 -14.26 6.60
C TYR A 350 -15.85 -12.82 6.48
N GLY A 351 -16.24 -12.34 5.31
CA GLY A 351 -16.34 -10.91 5.07
C GLY A 351 -17.33 -10.21 5.98
N THR A 352 -18.51 -10.83 6.15
CA THR A 352 -19.56 -10.24 6.99
CA THR A 352 -19.57 -10.21 6.98
C THR A 352 -19.06 -10.07 8.42
N ARG A 353 -18.34 -11.08 8.90
CA ARG A 353 -17.79 -11.02 10.26
C ARG A 353 -16.82 -9.87 10.46
N THR A 354 -16.13 -9.47 9.38
CA THR A 354 -15.17 -8.33 9.50
C THR A 354 -15.82 -6.97 9.59
N MET A 355 -17.11 -6.85 9.26
CA MET A 355 -17.75 -5.58 9.07
C MET A 355 -17.78 -4.72 10.32
N GLU A 356 -18.16 -5.30 11.48
CA GLU A 356 -18.25 -4.45 12.63
C GLU A 356 -16.80 -4.07 13.15
N PRO A 357 -15.88 -5.01 13.22
CA PRO A 357 -14.51 -4.62 13.60
C PRO A 357 -13.96 -3.57 12.65
N TYR A 358 -14.28 -3.64 11.35
CA TYR A 358 -13.74 -2.62 10.40
C TYR A 358 -14.41 -1.29 10.68
N ARG A 359 -15.67 -1.26 11.10
CA ARG A 359 -16.33 0.00 11.44
C ARG A 359 -15.61 0.67 12.58
N ILE A 360 -15.19 -0.12 13.56
CA ILE A 360 -14.50 0.44 14.75
C ILE A 360 -13.08 0.87 14.41
N PHE A 361 -12.34 0.04 13.70
CA PHE A 361 -10.91 0.26 13.52
C PHE A 361 -10.53 1.14 12.34
N PHE A 362 -11.46 1.47 11.46
CA PHE A 362 -11.22 2.42 10.37
C PHE A 362 -12.26 3.57 10.49
N PRO A 363 -12.13 4.40 11.51
CA PRO A 363 -13.15 5.45 11.78
C PRO A 363 -13.18 6.47 10.64
N GLY A 364 -14.35 7.06 10.47
CA GLY A 364 -14.50 8.11 9.44
C GLY A 364 -14.48 7.49 8.06
N SER A 365 -13.70 8.04 7.12
CA SER A 365 -13.58 7.56 5.74
C SER A 365 -12.12 7.08 5.49
N HIS A 366 -12.00 5.79 5.32
CA HIS A 366 -10.71 5.17 5.09
C HIS A 366 -10.89 4.22 3.90
N PRO A 367 -9.96 4.24 2.92
CA PRO A 367 -10.12 3.41 1.72
C PRO A 367 -10.22 1.92 1.93
N VAL A 368 -9.52 1.40 2.95
CA VAL A 368 -9.50 -0.02 3.20
C VAL A 368 -10.89 -0.48 3.63
N ARG A 369 -11.58 0.31 4.46
CA ARG A 369 -12.94 -0.02 4.88
C ARG A 369 -13.92 0.08 3.70
N GLY A 370 -13.79 1.15 2.92
CA GLY A 370 -14.54 1.33 1.66
C GLY A 370 -14.51 0.10 0.79
N VAL A 371 -13.28 -0.36 0.50
CA VAL A 371 -13.08 -1.52 -0.39
C VAL A 371 -13.63 -2.80 0.23
N GLN A 372 -13.41 -3.02 1.55
CA GLN A 372 -13.95 -4.21 2.23
C GLN A 372 -15.48 -4.25 2.19
N VAL A 373 -16.13 -3.12 2.40
CA VAL A 373 -17.60 -3.07 2.41
C VAL A 373 -18.11 -3.34 0.99
N MET A 374 -17.45 -2.71 0.01
CA MET A 374 -17.71 -3.04 -1.42
C MET A 374 -17.66 -4.52 -1.75
N LYS A 375 -16.63 -5.18 -1.28
CA LYS A 375 -16.46 -6.64 -1.53
C LYS A 375 -17.66 -7.45 -0.98
N VAL A 376 -18.03 -7.12 0.24
CA VAL A 376 -19.15 -7.81 0.93
C VAL A 376 -20.47 -7.47 0.22
N GLY A 377 -20.73 -6.23 -0.11
CA GLY A 377 -21.92 -5.91 -0.92
C GLY A 377 -21.95 -6.62 -2.28
N LYS A 378 -20.81 -6.71 -2.93
CA LYS A 378 -20.67 -7.45 -4.21
C LYS A 378 -21.03 -8.92 -4.03
N LEU A 379 -20.50 -9.55 -3.00
CA LEU A 379 -20.87 -10.95 -2.69
C LEU A 379 -22.38 -11.10 -2.44
N GLN A 380 -22.97 -10.17 -1.70
CA GLN A 380 -24.38 -10.22 -1.40
C GLN A 380 -25.15 -10.02 -2.71
N LEU A 381 -24.74 -9.08 -3.55
CA LEU A 381 -25.50 -8.81 -4.75
C LEU A 381 -25.60 -10.04 -5.63
N HIS A 382 -24.53 -10.78 -5.75
CA HIS A 382 -24.48 -11.89 -6.71
C HIS A 382 -25.06 -13.12 -6.10
N GLN A 383 -25.32 -13.08 -4.79
CA GLN A 383 -26.08 -14.13 -4.17
C GLN A 383 -27.52 -13.79 -4.04
N GLY A 384 -27.97 -12.70 -4.65
CA GLY A 384 -29.33 -12.32 -4.63
C GLY A 384 -29.91 -11.72 -3.38
N MET A 385 -29.06 -11.23 -2.47
CA MET A 385 -29.45 -10.57 -1.28
C MET A 385 -29.59 -9.04 -1.46
N PHE A 386 -30.64 -8.59 -2.15
CA PHE A 386 -30.59 -7.22 -2.66
C PHE A 386 -30.69 -6.13 -1.61
N PRO A 387 -31.63 -6.18 -0.67
CA PRO A 387 -31.63 -5.12 0.31
C PRO A 387 -30.31 -5.05 1.15
N GLN A 388 -29.77 -6.20 1.50
CA GLN A 388 -28.53 -6.20 2.28
C GLN A 388 -27.37 -5.66 1.44
N ALA A 389 -27.33 -6.10 0.18
CA ALA A 389 -26.30 -5.63 -0.73
C ALA A 389 -26.38 -4.13 -0.92
N MET A 390 -27.59 -3.60 -1.20
CA MET A 390 -27.76 -2.17 -1.42
C MET A 390 -27.23 -1.37 -0.24
N LYS A 391 -27.53 -1.79 0.97
CA LYS A 391 -27.14 -1.05 2.13
C LYS A 391 -25.60 -1.00 2.20
N ASN A 392 -24.96 -2.14 1.91
CA ASN A 392 -23.48 -2.14 1.92
C ASN A 392 -22.90 -1.39 0.76
N LEU A 393 -23.48 -1.53 -0.40
CA LEU A 393 -22.93 -0.82 -1.55
C LEU A 393 -23.09 0.70 -1.38
N ARG A 394 -24.17 1.12 -0.72
CA ARG A 394 -24.29 2.55 -0.48
C ARG A 394 -23.28 3.08 0.52
N LEU A 395 -23.04 2.28 1.55
CA LEU A 395 -22.10 2.62 2.61
C LEU A 395 -20.69 2.72 1.97
N ALA A 396 -20.36 1.74 1.14
CA ALA A 396 -19.10 1.71 0.36
C ALA A 396 -18.98 2.96 -0.51
N PHE A 397 -20.09 3.37 -1.15
CA PHE A 397 -20.04 4.57 -1.96
C PHE A 397 -19.84 5.78 -1.08
N ASP A 398 -20.50 5.86 0.07
CA ASP A 398 -20.32 7.00 0.92
C ASP A 398 -18.86 7.13 1.39
N ILE A 399 -18.19 6.00 1.62
CA ILE A 399 -16.80 6.07 2.00
C ILE A 399 -15.91 6.36 0.78
N MET A 400 -16.08 5.60 -0.28
CA MET A 400 -15.21 5.69 -1.46
C MET A 400 -15.40 6.92 -2.26
N ARG A 401 -16.55 7.56 -2.22
CA ARG A 401 -16.64 8.90 -2.85
C ARG A 401 -15.66 9.94 -2.25
N VAL A 402 -15.38 9.78 -0.97
CA VAL A 402 -14.36 10.52 -0.27
C VAL A 402 -12.92 10.03 -0.48
N THR A 403 -12.69 8.71 -0.41
CA THR A 403 -11.32 8.21 -0.36
C THR A 403 -10.78 7.94 -1.73
N HIS A 404 -11.65 7.64 -2.68
CA HIS A 404 -11.28 7.23 -4.07
C HIS A 404 -11.62 8.31 -5.04
N GLY A 405 -12.91 8.67 -5.04
CA GLY A 405 -13.36 9.79 -5.85
C GLY A 405 -13.55 9.39 -7.31
N ARG A 406 -14.07 10.35 -8.07
CA ARG A 406 -14.41 10.11 -9.49
C ARG A 406 -13.20 9.78 -10.40
N GLU A 407 -12.03 10.26 -9.98
CA GLU A 407 -10.76 9.98 -10.67
C GLU A 407 -10.17 8.58 -10.55
N HIS A 408 -10.76 7.73 -9.68
CA HIS A 408 -10.33 6.38 -9.48
C HIS A 408 -11.35 5.42 -10.18
N SER A 409 -10.87 4.54 -11.01
CA SER A 409 -11.78 3.71 -11.83
C SER A 409 -12.61 2.76 -11.03
N LEU A 410 -12.16 2.36 -9.82
CA LEU A 410 -12.96 1.49 -8.99
C LEU A 410 -14.29 2.10 -8.66
N ILE A 411 -14.35 3.41 -8.55
CA ILE A 411 -15.61 4.08 -8.26
C ILE A 411 -16.59 3.81 -9.40
N GLU A 412 -16.08 3.77 -10.61
CA GLU A 412 -16.94 3.43 -11.80
C GLU A 412 -17.49 2.00 -11.63
N ASP A 413 -16.66 1.05 -11.19
CA ASP A 413 -17.14 -0.28 -10.94
C ASP A 413 -18.25 -0.29 -9.90
N LEU A 414 -18.09 0.49 -8.85
CA LEU A 414 -19.09 0.49 -7.76
C LEU A 414 -20.40 1.07 -8.23
N ILE A 415 -20.33 2.11 -9.04
CA ILE A 415 -21.54 2.73 -9.63
C ILE A 415 -22.34 1.68 -10.43
N LEU A 416 -21.66 0.83 -11.19
CA LEU A 416 -22.36 -0.22 -11.94
C LEU A 416 -23.07 -1.18 -11.00
N LEU A 417 -22.43 -1.57 -9.90
CA LEU A 417 -23.11 -2.45 -8.90
C LEU A 417 -24.28 -1.76 -8.22
N LEU A 418 -24.17 -0.48 -7.90
CA LEU A 418 -25.27 0.25 -7.34
C LEU A 418 -26.44 0.24 -8.31
N GLU A 419 -26.16 0.52 -9.58
CA GLU A 419 -27.19 0.45 -10.64
C GLU A 419 -27.86 -0.90 -10.77
N GLU A 420 -27.06 -1.95 -10.76
CA GLU A 420 -27.55 -3.32 -10.92
C GLU A 420 -28.43 -3.67 -9.72
N CYS A 421 -27.88 -3.48 -8.53
CA CYS A 421 -28.65 -3.66 -7.27
C CYS A 421 -29.99 -2.92 -7.27
N ASP A 422 -29.96 -1.67 -7.67
CA ASP A 422 -31.13 -0.81 -7.72
C ASP A 422 -32.18 -1.32 -8.71
N ALA A 423 -31.76 -1.77 -9.89
CA ALA A 423 -32.68 -2.31 -10.92
C ALA A 423 -33.41 -3.52 -10.36
N ASN A 424 -32.65 -4.34 -9.66
CA ASN A 424 -33.16 -5.55 -9.03
C ASN A 424 -34.22 -5.26 -7.99
N ILE A 425 -34.00 -4.19 -7.22
CA ILE A 425 -34.96 -3.76 -6.20
C ILE A 425 -36.17 -3.14 -6.91
N ARG A 426 -35.93 -2.34 -7.95
CA ARG A 426 -36.99 -1.72 -8.81
C ARG A 426 -37.97 -2.74 -9.47
N ALA A 427 -37.46 -3.91 -9.81
CA ALA A 427 -38.28 -5.00 -10.33
C ALA A 427 -39.10 -5.70 -9.21
N SER A 428 -38.63 -5.65 -7.97
CA SER A 428 -39.02 -6.65 -6.98
C SER A 428 -40.36 -6.40 -6.25
C4 UZT B . 4.10 6.29 3.42
C5 UZT B . 4.25 4.86 3.92
C7 UZT B . 2.48 3.65 2.71
C10 UZT B . 0.46 2.69 3.90
C13 UZT B . -0.61 1.88 1.42
C17 UZT B . -3.34 2.35 0.70
C20 UZT B . -4.30 2.47 2.96
C21 UZT B . -2.62 -0.13 3.43
C24 UZT B . -0.20 -0.69 3.58
C26 UZT B . -0.12 -3.28 3.93
C28 UZT B . -1.87 -1.89 4.90
C1 UZT B . 5.55 8.40 3.10
C2 UZT B . 6.34 7.49 4.09
C3 UZT B . 5.48 6.90 2.99
N6 UZT B . 3.00 4.06 3.87
O8 UZT B . 3.08 3.80 1.66
C9 UZT B . 1.17 2.95 2.72
C14 UZT B . 0.62 2.55 1.50
C11 UZT B . -0.79 2.02 3.80
C12 UZT B . -1.29 1.55 2.53
N15 UZT B . -1.05 1.47 0.22
C16 UZT B . -2.34 1.61 -0.17
O30 UZT B . -2.64 1.17 -1.27
C18 UZT B . -3.71 1.53 2.01
N19 UZT B . -2.49 0.90 2.62
O22 UZT B . -3.75 -0.60 3.73
N23 UZT B . -1.59 -0.89 3.86
C25 UZT B . 0.01 -2.05 2.89
N29 UZT B . -0.23 -4.60 3.25
C27 UZT B . -1.37 -3.26 4.75
N SAM C . 9.19 15.38 7.47
CA SAM C . 9.64 14.81 6.20
C SAM C . 10.65 15.69 5.49
O SAM C . 11.14 16.65 6.11
OXT SAM C . 10.99 15.34 4.35
CB SAM C . 8.46 14.45 5.31
CG SAM C . 7.87 13.06 5.61
SD SAM C . 8.90 11.70 5.29
CE SAM C . 8.00 10.63 4.33
C5' SAM C . 9.08 10.77 6.76
C4' SAM C . 9.85 11.39 7.91
O4' SAM C . 9.18 12.54 8.40
C3' SAM C . 9.99 10.50 9.16
O3' SAM C . 10.98 9.48 8.97
C2' SAM C . 10.34 11.50 10.22
O2' SAM C . 11.64 12.06 10.04
C1' SAM C . 9.31 12.58 9.83
N9 SAM C . 7.95 12.37 10.42
C8 SAM C . 6.83 12.00 9.77
N7 SAM C . 5.78 12.04 10.58
C5 SAM C . 6.21 12.54 11.76
C6 SAM C . 5.62 12.80 13.03
N6 SAM C . 4.31 12.62 13.24
N1 SAM C . 6.41 13.21 14.00
C2 SAM C . 7.71 13.42 13.85
N3 SAM C . 8.36 13.20 12.71
C4 SAM C . 7.63 12.75 11.67
ZN ZN D . 0.39 8.27 17.56
ZN ZN E . 14.30 -7.35 -19.81
ZN ZN F . 0.06 -3.87 -18.27
#